data_5ZRZ
#
_entry.id   5ZRZ
#
_cell.length_a   98.195
_cell.length_b   29.651
_cell.length_c   54.170
_cell.angle_alpha   90.000
_cell.angle_beta   109.950
_cell.angle_gamma   90.000
#
_symmetry.space_group_name_H-M   'C 1 2 1'
#
loop_
_entity.id
_entity.type
_entity.pdbx_description
1 polymer 'Ephrin type-A receptor 5'
2 polymer 'Sterile alpha motif domain-containing protein 5'
3 water water
#
loop_
_entity_poly.entity_id
_entity_poly.type
_entity_poly.pdbx_seq_one_letter_code
_entity_poly.pdbx_strand_id
1 'polypeptide(L)' GPGSLGSGAYRSVGEWLEAIKMGRYTEIFMENGYSSMDAVAQVTLEDLRRLGVTLVGHQKKIMSSLQEMKVQMVNGMVPV A
2 'polypeptide(L)' GPGSMCTNIVYEWLKALQLPQYAESFVDNGYDDLEVCKQIGDPDLDAIGVLAPAHRRRILEAVHRLREQD B
#
# COMPACT_ATOMS: atom_id res chain seq x y z
N GLY A 8 -8.90 -10.90 -13.33
CA GLY A 8 -9.50 -11.27 -14.68
C GLY A 8 -10.20 -10.17 -15.48
N ALA A 9 -10.62 -9.10 -14.81
CA ALA A 9 -11.37 -7.97 -15.40
C ALA A 9 -10.52 -6.74 -15.81
N TYR A 10 -9.20 -6.91 -15.97
CA TYR A 10 -8.31 -5.83 -16.38
C TYR A 10 -7.64 -6.20 -17.70
N ARG A 11 -7.53 -5.24 -18.62
CA ARG A 11 -6.92 -5.51 -19.93
C ARG A 11 -5.40 -5.60 -19.88
N SER A 12 -4.78 -4.83 -18.99
CA SER A 12 -3.32 -4.82 -18.90
C SER A 12 -2.87 -4.68 -17.45
N VAL A 13 -1.58 -4.98 -17.22
CA VAL A 13 -1.02 -4.78 -15.89
C VAL A 13 -1.04 -3.32 -15.49
N GLY A 14 -0.78 -2.42 -16.43
CA GLY A 14 -0.92 -0.96 -16.24
C GLY A 14 -2.30 -0.50 -15.80
N GLU A 15 -3.33 -1.03 -16.44
CA GLU A 15 -4.72 -0.73 -16.04
C GLU A 15 -5.05 -1.31 -14.67
N TRP A 16 -4.53 -2.49 -14.35
CA TRP A 16 -4.81 -3.08 -13.03
C TRP A 16 -4.17 -2.19 -11.95
N LEU A 17 -2.88 -1.84 -12.14
CA LEU A 17 -2.12 -1.01 -11.19
C LEU A 17 -2.76 0.34 -11.00
N GLU A 18 -3.20 1.00 -12.07
CA GLU A 18 -3.86 2.30 -11.93
C GLU A 18 -5.19 2.19 -11.20
N ALA A 19 -5.90 1.08 -11.33
CA ALA A 19 -7.15 0.86 -10.57
C ALA A 19 -6.93 0.77 -9.02
N ILE A 20 -5.77 0.27 -8.60
CA ILE A 20 -5.42 0.18 -7.18
C ILE A 20 -4.46 1.30 -6.72
N LYS A 21 -4.30 2.36 -7.53
CA LYS A 21 -3.50 3.57 -7.24
C LYS A 21 -2.01 3.27 -7.08
N MET A 22 -1.57 2.28 -7.84
CA MET A 22 -0.19 1.81 -7.82
C MET A 22 0.40 1.91 -9.25
N GLY A 23 -0.09 2.85 -10.06
CA GLY A 23 0.40 3.06 -11.44
C GLY A 23 1.87 3.39 -11.57
N ARG A 24 2.45 3.92 -10.52
CA ARG A 24 3.88 4.20 -10.54
C ARG A 24 4.74 2.97 -10.85
N TYR A 25 4.24 1.75 -10.60
CA TYR A 25 5.03 0.53 -10.79
C TYR A 25 4.87 -0.11 -12.18
N THR A 26 3.97 0.43 -12.98
CA THR A 26 3.70 -0.12 -14.31
C THR A 26 4.97 -0.37 -15.13
N GLU A 27 5.79 0.67 -15.28
CA GLU A 27 7.01 0.57 -16.11
C GLU A 27 7.91 -0.54 -15.58
N ILE A 28 8.09 -0.56 -14.26
CA ILE A 28 8.94 -1.52 -13.60
C ILE A 28 8.47 -2.97 -13.81
N PHE A 29 7.16 -3.20 -13.74
CA PHE A 29 6.59 -4.52 -14.03
C PHE A 29 6.78 -4.96 -15.51
N MET A 30 6.54 -4.06 -16.44
CA MET A 30 6.73 -4.35 -17.88
C MET A 30 8.19 -4.60 -18.28
N GLU A 31 9.10 -3.72 -17.84
CA GLU A 31 10.56 -3.88 -18.01
C GLU A 31 11.14 -5.15 -17.41
N ASN A 32 10.56 -5.68 -16.32
CA ASN A 32 11.17 -6.82 -15.63
C ASN A 32 10.42 -8.10 -15.88
N GLY A 33 9.53 -8.08 -16.87
CA GLY A 33 8.90 -9.27 -17.37
C GLY A 33 7.65 -9.75 -16.66
N TYR A 34 6.96 -8.86 -15.94
CA TYR A 34 5.65 -9.19 -15.34
C TYR A 34 4.65 -8.38 -16.13
N SER A 35 4.41 -8.83 -17.37
CA SER A 35 3.89 -7.97 -18.44
C SER A 35 2.48 -8.26 -18.98
N SER A 36 1.84 -9.33 -18.51
CA SER A 36 0.41 -9.62 -18.78
C SER A 36 -0.26 -10.00 -17.45
N MET A 37 -1.58 -9.95 -17.40
CA MET A 37 -2.27 -10.34 -16.15
C MET A 37 -1.98 -11.76 -15.68
N ASP A 38 -1.65 -12.68 -16.61
CA ASP A 38 -1.25 -14.04 -16.23
C ASP A 38 0.11 -14.10 -15.54
N ALA A 39 1.09 -13.35 -16.03
CA ALA A 39 2.40 -13.28 -15.36
C ALA A 39 2.32 -12.75 -13.92
N VAL A 40 1.43 -11.80 -13.72
CA VAL A 40 1.23 -11.10 -12.46
C VAL A 40 0.63 -11.97 -11.33
N ALA A 41 -0.17 -12.98 -11.70
CA ALA A 41 -0.84 -13.79 -10.71
C ALA A 41 0.11 -14.71 -9.91
N GLN A 42 1.29 -14.98 -10.43
CA GLN A 42 2.27 -15.79 -9.70
C GLN A 42 3.28 -14.94 -8.88
N VAL A 43 3.08 -13.62 -8.81
CA VAL A 43 4.01 -12.70 -8.13
C VAL A 43 3.95 -12.96 -6.64
N THR A 44 5.12 -13.04 -6.03
CA THR A 44 5.25 -13.20 -4.58
C THR A 44 5.76 -11.90 -3.95
N LEU A 45 5.68 -11.78 -2.64
CA LEU A 45 6.28 -10.65 -1.91
C LEU A 45 7.77 -10.44 -2.23
N GLU A 46 8.54 -11.53 -2.29
CA GLU A 46 9.94 -11.45 -2.71
C GLU A 46 10.09 -10.94 -4.15
N ASP A 47 9.24 -11.36 -5.08
CA ASP A 47 9.29 -10.81 -6.44
C ASP A 47 9.11 -9.30 -6.37
N LEU A 48 8.12 -8.84 -5.57
CA LEU A 48 7.91 -7.39 -5.42
C LEU A 48 9.13 -6.65 -4.86
N ARG A 49 9.70 -7.22 -3.80
CA ARG A 49 10.88 -6.63 -3.25
C ARG A 49 12.00 -6.49 -4.31
N ARG A 50 12.20 -7.53 -5.12
CA ARG A 50 13.29 -7.47 -6.13
C ARG A 50 12.99 -6.53 -7.29
N LEU A 51 11.69 -6.26 -7.52
CA LEU A 51 11.28 -5.27 -8.46
C LEU A 51 11.43 -3.84 -7.94
N GLY A 52 11.82 -3.65 -6.67
CA GLY A 52 11.99 -2.29 -6.10
C GLY A 52 10.72 -1.77 -5.41
N VAL A 53 9.73 -2.64 -5.18
CA VAL A 53 8.54 -2.27 -4.37
C VAL A 53 8.89 -2.53 -2.92
N THR A 54 9.50 -1.53 -2.29
CA THR A 54 10.00 -1.63 -0.90
C THR A 54 9.05 -1.00 0.13
N LEU A 55 8.09 -0.17 -0.30
CA LEU A 55 7.17 0.44 0.63
C LEU A 55 6.19 -0.61 1.10
N VAL A 56 6.14 -0.86 2.40
CA VAL A 56 5.27 -1.95 2.90
C VAL A 56 3.79 -1.77 2.60
N GLY A 57 3.31 -0.52 2.56
CA GLY A 57 1.90 -0.29 2.32
C GLY A 57 1.58 -0.63 0.88
N HIS A 58 2.52 -0.31 -0.03
CA HIS A 58 2.34 -0.64 -1.46
C HIS A 58 2.43 -2.17 -1.72
N GLN A 59 3.32 -2.87 -1.02
CA GLN A 59 3.34 -4.34 -1.04
C GLN A 59 1.98 -4.91 -0.62
N LYS A 60 1.46 -4.39 0.48
CA LYS A 60 0.14 -4.85 0.95
C LYS A 60 -0.99 -4.60 -0.08
N LYS A 61 -0.99 -3.41 -0.62
CA LYS A 61 -1.96 -3.06 -1.65
C LYS A 61 -1.98 -4.00 -2.82
N ILE A 62 -0.78 -4.27 -3.34
CA ILE A 62 -0.60 -5.13 -4.49
C ILE A 62 -0.89 -6.59 -4.14
N MET A 63 -0.31 -7.12 -3.06
CA MET A 63 -0.56 -8.54 -2.69
C MET A 63 -2.03 -8.77 -2.35
N SER A 64 -2.66 -7.80 -1.67
CA SER A 64 -4.09 -7.90 -1.33
C SER A 64 -4.95 -7.97 -2.59
N SER A 65 -4.63 -7.14 -3.59
CA SER A 65 -5.40 -7.14 -4.86
C SER A 65 -5.18 -8.44 -5.63
N LEU A 66 -3.92 -8.95 -5.68
CA LEU A 66 -3.65 -10.20 -6.39
C LEU A 66 -4.50 -11.29 -5.80
N GLN A 67 -4.53 -11.34 -4.48
CA GLN A 67 -5.39 -12.29 -3.79
C GLN A 67 -6.92 -12.11 -4.00
N GLU A 68 -7.38 -10.86 -4.00
CA GLU A 68 -8.76 -10.53 -4.34
C GLU A 68 -9.14 -11.05 -5.74
N MET A 69 -8.23 -10.90 -6.69
CA MET A 69 -8.50 -11.38 -8.04
C MET A 69 -8.51 -12.93 -8.08
N LYS A 70 -7.63 -13.59 -7.33
CA LYS A 70 -7.72 -15.06 -7.26
C LYS A 70 -9.06 -15.52 -6.65
N VAL A 71 -9.48 -14.87 -5.59
CA VAL A 71 -10.76 -15.18 -4.93
C VAL A 71 -11.94 -15.07 -5.90
N GLN A 72 -11.94 -14.01 -6.71
CA GLN A 72 -13.02 -13.82 -7.67
C GLN A 72 -13.01 -14.98 -8.68
N MET A 73 -11.81 -15.41 -9.09
CA MET A 73 -11.68 -16.51 -10.05
C MET A 73 -12.08 -17.87 -9.48
N VAL A 74 -11.71 -18.20 -8.24
CA VAL A 74 -12.11 -19.49 -7.68
C VAL A 74 -13.60 -19.57 -7.38
N ASN A 75 -14.18 -18.42 -7.00
CA ASN A 75 -15.59 -18.33 -6.67
C ASN A 75 -16.51 -18.29 -7.92
N GLY A 76 -16.01 -17.77 -9.04
CA GLY A 76 -16.84 -17.60 -10.24
C GLY A 76 -17.04 -18.94 -10.91
N MET B 5 -18.67 -1.32 8.36
CA MET B 5 -19.35 -1.81 9.61
C MET B 5 -18.55 -1.62 10.90
N CYS B 6 -17.29 -1.18 10.82
CA CYS B 6 -16.55 -0.73 12.02
C CYS B 6 -15.58 0.34 11.56
N THR B 7 -15.35 1.38 12.37
CA THR B 7 -14.43 2.46 11.99
C THR B 7 -13.07 1.90 11.53
N ASN B 8 -12.44 2.49 10.51
CA ASN B 8 -11.09 2.05 10.14
C ASN B 8 -10.13 2.49 11.26
N ILE B 9 -9.32 1.56 11.66
CA ILE B 9 -8.43 1.75 12.80
C ILE B 9 -7.36 2.80 12.56
N VAL B 10 -6.93 2.95 11.31
CA VAL B 10 -5.96 4.02 10.97
C VAL B 10 -6.60 5.38 11.03
N TYR B 11 -7.85 5.51 10.58
CA TYR B 11 -8.62 6.71 10.85
C TYR B 11 -8.69 7.02 12.36
N GLU B 12 -9.00 6.01 13.17
CA GLU B 12 -9.16 6.23 14.61
C GLU B 12 -7.84 6.69 15.23
N TRP B 13 -6.75 6.02 14.86
CA TRP B 13 -5.40 6.38 15.34
C TRP B 13 -4.93 7.79 15.01
N LEU B 14 -5.09 8.16 13.77
CA LEU B 14 -4.77 9.52 13.34
C LEU B 14 -5.66 10.57 13.96
N LYS B 15 -6.91 10.22 14.23
CA LYS B 15 -7.81 11.08 15.04
C LYS B 15 -7.21 11.32 16.43
N ALA B 16 -6.79 10.23 17.07
CA ALA B 16 -6.11 10.34 18.38
C ALA B 16 -4.85 11.22 18.33
N LEU B 17 -4.17 11.28 17.19
CA LEU B 17 -2.95 12.09 17.04
C LEU B 17 -3.29 13.51 16.60
N GLN B 18 -4.58 13.76 16.45
CA GLN B 18 -5.11 15.00 15.94
C GLN B 18 -4.52 15.34 14.57
N LEU B 19 -4.29 14.29 13.74
CA LEU B 19 -3.93 14.45 12.33
C LEU B 19 -4.85 13.64 11.42
N PRO B 20 -6.19 13.72 11.62
CA PRO B 20 -7.13 12.93 10.83
C PRO B 20 -7.10 13.22 9.37
N GLN B 21 -6.53 14.37 8.98
CA GLN B 21 -6.60 14.79 7.61
C GLN B 21 -5.80 13.90 6.65
N TYR B 22 -4.91 13.05 7.17
CA TYR B 22 -4.12 12.14 6.31
C TYR B 22 -4.71 10.73 6.18
N ALA B 23 -5.83 10.41 6.83
CA ALA B 23 -6.26 9.05 6.93
C ALA B 23 -6.53 8.38 5.58
N GLU B 24 -7.16 9.11 4.67
CA GLU B 24 -7.53 8.57 3.39
C GLU B 24 -6.26 8.29 2.52
N SER B 25 -5.29 9.17 2.57
CA SER B 25 -4.00 8.89 1.93
C SER B 25 -3.24 7.68 2.53
N PHE B 26 -3.20 7.56 3.85
CA PHE B 26 -2.63 6.36 4.47
C PHE B 26 -3.30 5.11 3.86
N VAL B 27 -4.62 5.07 3.87
CA VAL B 27 -5.34 3.84 3.48
C VAL B 27 -5.15 3.54 1.98
N ASP B 28 -5.15 4.61 1.20
CA ASP B 28 -4.97 4.53 -0.27
C ASP B 28 -3.54 4.07 -0.63
N ASN B 29 -2.57 4.28 0.26
CA ASN B 29 -1.20 3.81 0.05
C ASN B 29 -0.94 2.44 0.69
N GLY B 30 -2.00 1.79 1.18
CA GLY B 30 -1.97 0.50 1.86
C GLY B 30 -1.67 0.44 3.36
N TYR B 31 -1.56 1.58 4.01
CA TYR B 31 -1.38 1.67 5.44
C TYR B 31 -2.79 1.72 6.07
N ASP B 32 -3.39 0.55 6.13
CA ASP B 32 -4.78 0.43 6.50
C ASP B 32 -5.03 -0.22 7.86
N ASP B 33 -3.97 -0.63 8.57
CA ASP B 33 -4.11 -1.13 9.95
C ASP B 33 -2.84 -0.87 10.68
N LEU B 34 -2.85 -1.07 11.99
CA LEU B 34 -1.72 -0.64 12.81
C LEU B 34 -0.48 -1.50 12.70
N GLU B 35 -0.63 -2.73 12.21
CA GLU B 35 0.51 -3.57 11.92
C GLU B 35 1.38 -2.97 10.80
N VAL B 36 0.75 -2.49 9.71
CA VAL B 36 1.45 -1.81 8.63
C VAL B 36 2.00 -0.48 9.14
N CYS B 37 1.18 0.31 9.83
CA CYS B 37 1.65 1.62 10.35
C CYS B 37 2.89 1.55 11.24
N LYS B 38 3.06 0.43 11.94
CA LYS B 38 4.22 0.17 12.77
C LYS B 38 5.56 0.22 12.02
N GLN B 39 5.52 -0.06 10.73
CA GLN B 39 6.69 -0.05 9.87
C GLN B 39 6.99 1.27 9.18
N ILE B 40 6.21 2.29 9.45
CA ILE B 40 6.36 3.57 8.77
C ILE B 40 7.64 4.29 9.18
N GLY B 41 8.38 4.75 8.18
CA GLY B 41 9.54 5.66 8.31
C GLY B 41 9.39 6.81 7.30
N ASP B 42 10.47 7.54 7.08
CA ASP B 42 10.44 8.68 6.19
C ASP B 42 9.99 8.37 4.74
N PRO B 43 10.37 7.22 4.14
CA PRO B 43 9.90 7.00 2.73
C PRO B 43 8.37 6.86 2.64
N ASP B 44 7.78 6.27 3.67
CA ASP B 44 6.34 6.02 3.74
C ASP B 44 5.59 7.36 3.86
N LEU B 45 6.04 8.22 4.77
CA LEU B 45 5.47 9.58 4.90
C LEU B 45 5.55 10.42 3.58
N ASP B 46 6.67 10.29 2.88
CA ASP B 46 6.93 10.90 1.59
C ASP B 46 5.92 10.44 0.55
N ALA B 47 5.63 9.14 0.50
CA ALA B 47 4.68 8.63 -0.45
C ALA B 47 3.26 9.02 -0.10
N ILE B 48 2.95 8.99 1.19
CA ILE B 48 1.64 9.38 1.69
C ILE B 48 1.43 10.90 1.50
N GLY B 49 2.50 11.66 1.57
CA GLY B 49 2.41 13.10 1.43
C GLY B 49 2.34 13.92 2.71
N VAL B 50 2.86 13.40 3.82
CA VAL B 50 2.92 14.16 5.05
C VAL B 50 4.22 14.96 5.01
N LEU B 51 4.11 16.27 4.85
CA LEU B 51 5.29 17.11 4.60
C LEU B 51 5.64 18.08 5.73
N ALA B 52 4.65 18.55 6.50
CA ALA B 52 4.89 19.48 7.58
C ALA B 52 5.74 18.76 8.60
N PRO B 53 6.90 19.36 8.96
CA PRO B 53 7.84 18.73 9.94
C PRO B 53 7.24 18.31 11.26
N ALA B 54 6.37 19.15 11.81
CA ALA B 54 5.74 18.85 13.09
C ALA B 54 4.89 17.60 12.97
N HIS B 55 4.19 17.43 11.84
CA HIS B 55 3.28 16.32 11.62
C HIS B 55 4.11 15.09 11.39
N ARG B 56 5.20 15.24 10.67
CA ARG B 56 6.10 14.09 10.46
C ARG B 56 6.63 13.58 11.77
N ARG B 57 7.08 14.50 12.61
CA ARG B 57 7.64 14.15 13.90
C ARG B 57 6.57 13.50 14.76
N ARG B 58 5.37 14.07 14.79
CA ARG B 58 4.27 13.50 15.56
C ARG B 58 3.92 12.09 15.14
N ILE B 59 3.81 11.83 13.83
CA ILE B 59 3.52 10.46 13.38
C ILE B 59 4.66 9.50 13.69
N LEU B 60 5.92 9.87 13.47
CA LEU B 60 7.03 8.97 13.78
C LEU B 60 7.15 8.65 15.28
N GLU B 61 6.89 9.65 16.12
CA GLU B 61 6.80 9.44 17.58
C GLU B 61 5.65 8.45 17.94
N ALA B 62 4.49 8.63 17.33
CA ALA B 62 3.37 7.66 17.44
C ALA B 62 3.73 6.25 16.96
N VAL B 63 4.43 6.14 15.84
CA VAL B 63 4.88 4.87 15.31
C VAL B 63 5.82 4.19 16.31
N HIS B 64 6.73 4.97 16.88
CA HIS B 64 7.61 4.43 17.93
C HIS B 64 6.74 3.81 19.05
N ARG B 65 5.70 4.53 19.50
CA ARG B 65 4.81 4.00 20.56
C ARG B 65 4.05 2.73 20.19
N LEU B 66 3.63 2.57 18.95
CA LEU B 66 3.06 1.33 18.51
C LEU B 66 4.03 0.14 18.65
N ARG B 67 5.32 0.37 18.47
CA ARG B 67 6.31 -0.71 18.58
C ARG B 67 6.80 -1.01 20.03
N GLU B 68 6.00 -0.68 21.06
CA GLU B 68 6.36 -0.99 22.47
C GLU B 68 5.55 -2.15 23.06
#